data_4WH7
#
_entry.id   4WH7
#
_cell.length_a   51.207
_cell.length_b   71.442
_cell.length_c   73.476
_cell.angle_alpha   90.00
_cell.angle_beta   90.00
_cell.angle_gamma   90.00
#
_symmetry.space_group_name_H-M   'P 21 21 21'
#
loop_
_entity.id
_entity.type
_entity.pdbx_description
1 polymer 'M-phase inducer phosphatase 2'
2 non-polymer 'SULFATE ION'
3 non-polymer 2-fluoro-4-hydroxybenzonitrile
4 non-polymer GLYCEROL
5 water water
#
_entity_poly.entity_id   1
_entity_poly.type   'polypeptide(L)'
_entity_poly.pdbx_seq_one_letter_code
;GSSDSDHRELIGDYSKAFLLQTVDGKHQDLKYISPETMVALLTGKFSNIVDKFVIVDCRYPYEYEGGHIKTAVNLPLERD
AESFLLKSPIAPCSLDKRVILIFHSEFSSERGPRMCRFIRERDRAVNDYPSLYYPEMYILKGGYKEFFPQHPNFCEPQDY
RPMNHEAFKDELKTFRLKTRSWA
;
_entity_poly.pdbx_strand_id   A
#
loop_
_chem_comp.id
_chem_comp.type
_chem_comp.name
_chem_comp.formula
8H8 non-polymer 2-fluoro-4-hydroxybenzonitrile 'C7 H4 F N O'
GOL non-polymer GLYCEROL 'C3 H8 O3'
SO4 non-polymer 'SULFATE ION' 'O4 S -2'
#
# COMPACT_ATOMS: atom_id res chain seq x y z
N ASP A 6 -20.97 6.15 -10.47
CA ASP A 6 -20.28 5.87 -9.18
C ASP A 6 -20.71 6.90 -8.14
N HIS A 7 -20.76 6.49 -6.87
CA HIS A 7 -21.29 7.37 -5.83
C HIS A 7 -20.21 8.03 -4.97
N ARG A 8 -18.98 8.00 -5.45
CA ARG A 8 -17.89 8.63 -4.73
C ARG A 8 -17.26 9.73 -5.57
N GLU A 9 -16.32 10.43 -4.96
CA GLU A 9 -15.53 11.42 -5.69
C GLU A 9 -14.57 10.73 -6.65
N LEU A 10 -14.00 11.53 -7.55
CA LEU A 10 -13.03 11.00 -8.52
C LEU A 10 -11.68 10.69 -7.87
N ILE A 11 -10.86 9.90 -8.58
CA ILE A 11 -9.47 9.66 -8.17
C ILE A 11 -8.67 10.95 -8.19
N GLY A 12 -7.43 10.92 -7.70
CA GLY A 12 -6.71 12.16 -7.35
C GLY A 12 -6.36 13.13 -8.49
N ASP A 13 -6.32 12.64 -9.73
CA ASP A 13 -6.13 13.54 -10.89
C ASP A 13 -7.48 13.83 -11.59
N TYR A 14 -8.57 13.41 -10.94
CA TYR A 14 -9.96 13.75 -11.34
C TYR A 14 -10.27 13.25 -12.76
N SER A 15 -9.63 12.14 -13.12
CA SER A 15 -9.74 11.59 -14.45
C SER A 15 -10.92 10.62 -14.58
N LYS A 16 -11.20 9.89 -13.49
CA LYS A 16 -12.18 8.81 -13.52
C LYS A 16 -12.56 8.42 -12.10
N ALA A 17 -13.57 7.59 -11.97
CA ALA A 17 -13.97 7.06 -10.66
C ALA A 17 -12.97 6.02 -10.14
N PHE A 18 -12.95 5.84 -8.83
CA PHE A 18 -12.24 4.70 -8.23
C PHE A 18 -12.81 3.40 -8.81
N LEU A 19 -11.92 2.47 -9.18
CA LEU A 19 -12.33 1.20 -9.76
C LEU A 19 -12.92 0.22 -8.73
N LEU A 20 -12.29 0.18 -7.55
CA LEU A 20 -12.58 -0.85 -6.57
C LEU A 20 -13.65 -0.44 -5.60
N GLN A 21 -14.42 -1.43 -5.16
CA GLN A 21 -15.36 -1.23 -4.06
C GLN A 21 -14.57 -0.98 -2.79
N THR A 22 -15.07 -0.06 -1.98
CA THR A 22 -14.37 0.30 -0.75
C THR A 22 -15.19 0.02 0.50
N VAL A 23 -14.48 -0.08 1.62
CA VAL A 23 -15.07 -0.29 2.93
C VAL A 23 -14.65 0.84 3.89
N ASP A 24 -15.41 1.02 4.97
CA ASP A 24 -15.11 2.09 5.94
C ASP A 24 -13.78 1.81 6.60
N GLY A 25 -12.99 2.86 6.79
CA GLY A 25 -11.73 2.79 7.54
C GLY A 25 -11.56 4.06 8.36
N LYS A 26 -10.68 4.00 9.37
CA LYS A 26 -10.63 5.07 10.36
C LYS A 26 -10.17 6.42 9.77
N HIS A 27 -9.29 6.38 8.77
CA HIS A 27 -8.88 7.59 8.08
C HIS A 27 -9.95 7.85 7.03
N GLN A 28 -10.88 8.74 7.36
CA GLN A 28 -12.15 8.87 6.62
C GLN A 28 -11.99 9.42 5.19
N ASP A 29 -10.87 10.07 4.93
CA ASP A 29 -10.57 10.62 3.62
C ASP A 29 -9.70 9.70 2.76
N LEU A 30 -9.31 8.54 3.29
CA LEU A 30 -8.61 7.54 2.49
C LEU A 30 -9.56 6.43 2.07
N LYS A 31 -9.24 5.74 0.98
CA LYS A 31 -10.07 4.64 0.49
C LYS A 31 -9.49 3.30 0.95
N TYR A 32 -10.34 2.50 1.59
CA TYR A 32 -9.93 1.18 2.09
C TYR A 32 -10.57 0.06 1.29
N ILE A 33 -9.83 -1.03 1.09
CA ILE A 33 -10.38 -2.22 0.44
C ILE A 33 -10.27 -3.43 1.36
N SER A 34 -11.15 -4.40 1.11
CA SER A 34 -11.19 -5.62 1.89
C SER A 34 -10.14 -6.62 1.40
N PRO A 35 -9.86 -7.66 2.23
CA PRO A 35 -9.04 -8.75 1.74
C PRO A 35 -9.57 -9.38 0.43
N GLU A 36 -10.90 -9.53 0.31
CA GLU A 36 -11.50 -10.12 -0.89
C GLU A 36 -11.16 -9.31 -2.14
N THR A 37 -11.23 -7.99 -2.02
CA THR A 37 -10.88 -7.10 -3.13
C THR A 37 -9.40 -7.19 -3.48
N MET A 38 -8.54 -7.28 -2.45
CA MET A 38 -7.09 -7.51 -2.65
C MET A 38 -6.89 -8.79 -3.48
N VAL A 39 -7.61 -9.85 -3.12
CA VAL A 39 -7.53 -11.11 -3.86
C VAL A 39 -8.04 -10.95 -5.31
N ALA A 40 -9.13 -10.20 -5.49
CA ALA A 40 -9.62 -9.92 -6.83
C ALA A 40 -8.51 -9.29 -7.72
N LEU A 41 -7.75 -8.34 -7.17
CA LEU A 41 -6.58 -7.80 -7.91
C LEU A 41 -5.56 -8.89 -8.20
N LEU A 42 -5.17 -9.63 -7.17
CA LEU A 42 -4.16 -10.69 -7.34
C LEU A 42 -4.54 -11.81 -8.32
N THR A 43 -5.84 -12.04 -8.49
CA THR A 43 -6.30 -13.10 -9.38
C THR A 43 -6.65 -12.58 -10.78
N GLY A 44 -6.41 -11.29 -11.01
CA GLY A 44 -6.62 -10.69 -12.32
C GLY A 44 -8.07 -10.44 -12.68
N LYS A 45 -8.92 -10.26 -11.69
CA LYS A 45 -10.33 -10.00 -11.95
C LYS A 45 -10.47 -8.69 -12.75
N PHE A 46 -9.52 -7.78 -12.54
CA PHE A 46 -9.57 -6.47 -13.18
C PHE A 46 -8.50 -6.30 -14.25
N SER A 47 -7.98 -7.42 -14.76
CA SER A 47 -6.82 -7.37 -15.66
C SER A 47 -7.07 -6.62 -16.97
N ASN A 48 -8.31 -6.54 -17.44
N ASN A 48 -8.35 -6.58 -17.36
CA ASN A 48 -8.57 -5.75 -18.65
CA ASN A 48 -8.85 -5.81 -18.50
C ASN A 48 -8.33 -4.26 -18.43
C ASN A 48 -8.49 -4.32 -18.42
N ILE A 49 -8.46 -3.82 -17.19
CA ILE A 49 -8.38 -2.39 -16.86
C ILE A 49 -7.11 -2.03 -16.08
N VAL A 50 -6.74 -2.88 -15.13
CA VAL A 50 -5.59 -2.61 -14.26
C VAL A 50 -4.36 -3.24 -14.88
N ASP A 51 -3.47 -2.42 -15.41
CA ASP A 51 -2.23 -2.90 -16.02
C ASP A 51 -1.23 -3.31 -14.95
N LYS A 52 -1.14 -2.50 -13.90
CA LYS A 52 -0.18 -2.71 -12.82
C LYS A 52 -0.78 -2.33 -11.49
N PHE A 53 -0.47 -3.11 -10.45
CA PHE A 53 -0.76 -2.66 -9.09
C PHE A 53 0.43 -3.05 -8.21
N VAL A 54 0.77 -2.14 -7.32
CA VAL A 54 1.88 -2.36 -6.40
C VAL A 54 1.33 -2.51 -5.00
N ILE A 55 1.67 -3.61 -4.33
CA ILE A 55 1.31 -3.78 -2.91
C ILE A 55 2.50 -3.31 -2.09
N VAL A 56 2.31 -2.23 -1.36
CA VAL A 56 3.38 -1.61 -0.59
C VAL A 56 3.24 -2.03 0.84
N ASP A 57 4.07 -3.01 1.24
CA ASP A 57 4.13 -3.49 2.61
C ASP A 57 4.99 -2.50 3.42
N CYS A 58 4.34 -1.73 4.30
CA CYS A 58 5.00 -0.65 5.07
C CYS A 58 5.56 -1.12 6.42
N ARG A 59 5.55 -2.43 6.63
CA ARG A 59 6.05 -3.00 7.87
C ARG A 59 7.56 -3.11 7.85
N TYR A 60 8.17 -3.40 8.99
CA TYR A 60 9.61 -3.48 9.05
C TYR A 60 10.12 -4.80 8.41
N PRO A 61 11.39 -4.85 8.00
CA PRO A 61 11.84 -6.00 7.21
C PRO A 61 11.63 -7.33 7.89
N TYR A 62 11.85 -7.41 9.21
CA TYR A 62 11.63 -8.67 9.92
C TYR A 62 10.16 -9.13 9.87
N GLU A 63 9.23 -8.19 9.93
CA GLU A 63 7.81 -8.53 9.74
C GLU A 63 7.53 -9.08 8.34
N TYR A 64 7.96 -8.34 7.31
CA TYR A 64 7.84 -8.78 5.92
C TYR A 64 8.43 -10.18 5.69
N GLU A 65 9.61 -10.41 6.26
CA GLU A 65 10.32 -11.70 6.11
C GLU A 65 9.58 -12.87 6.78
N GLY A 66 8.78 -12.55 7.80
CA GLY A 66 8.00 -13.55 8.52
C GLY A 66 6.73 -13.98 7.83
N GLY A 67 6.39 -13.34 6.70
CA GLY A 67 5.17 -13.63 5.94
C GLY A 67 4.60 -12.34 5.38
N HIS A 68 4.48 -12.28 4.06
CA HIS A 68 3.96 -11.09 3.38
C HIS A 68 3.05 -11.56 2.23
N ILE A 69 2.34 -10.62 1.63
CA ILE A 69 1.45 -10.93 0.53
C ILE A 69 2.32 -11.17 -0.71
N LYS A 70 2.03 -12.25 -1.46
CA LYS A 70 2.75 -12.51 -2.72
C LYS A 70 2.73 -11.28 -3.62
N THR A 71 3.90 -10.97 -4.19
CA THR A 71 4.17 -9.82 -5.09
C THR A 71 4.43 -8.50 -4.37
N ALA A 72 4.17 -8.44 -3.06
CA ALA A 72 4.34 -7.19 -2.31
C ALA A 72 5.81 -6.77 -2.26
N VAL A 73 6.00 -5.46 -2.28
CA VAL A 73 7.31 -4.85 -2.09
C VAL A 73 7.39 -4.23 -0.69
N ASN A 74 8.54 -4.40 -0.03
CA ASN A 74 8.72 -3.91 1.33
C ASN A 74 9.40 -2.54 1.31
N LEU A 75 8.63 -1.49 1.62
CA LEU A 75 9.13 -0.10 1.61
C LEU A 75 8.77 0.66 2.88
N PRO A 76 9.37 0.26 4.04
CA PRO A 76 8.97 0.89 5.31
C PRO A 76 9.52 2.30 5.53
N LEU A 77 10.62 2.64 4.88
CA LEU A 77 11.21 3.97 5.03
C LEU A 77 10.67 4.88 3.93
N GLU A 78 10.18 6.06 4.32
CA GLU A 78 9.63 7.03 3.34
C GLU A 78 10.63 7.33 2.22
N ARG A 79 11.90 7.52 2.55
CA ARG A 79 12.91 7.82 1.50
C ARG A 79 13.06 6.69 0.46
N ASP A 80 12.88 5.45 0.91
CA ASP A 80 12.92 4.31 0.00
C ASP A 80 11.63 4.16 -0.81
N ALA A 81 10.48 4.41 -0.18
CA ALA A 81 9.20 4.39 -0.90
C ALA A 81 9.21 5.47 -1.99
N GLU A 82 9.70 6.66 -1.64
CA GLU A 82 9.78 7.75 -2.60
C GLU A 82 10.71 7.41 -3.79
N SER A 83 11.88 6.85 -3.50
CA SER A 83 12.78 6.45 -4.56
C SER A 83 12.15 5.38 -5.45
N PHE A 84 11.62 4.33 -4.83
CA PHE A 84 11.05 3.21 -5.58
C PHE A 84 9.89 3.63 -6.46
N LEU A 85 9.01 4.49 -5.94
CA LEU A 85 7.79 4.86 -6.63
C LEU A 85 7.94 6.06 -7.54
N LEU A 86 8.80 7.00 -7.16
CA LEU A 86 8.81 8.29 -7.86
C LEU A 86 10.07 8.67 -8.64
N LYS A 87 11.18 7.98 -8.42
CA LYS A 87 12.40 8.30 -9.18
C LYS A 87 12.14 8.01 -10.66
N SER A 88 11.55 6.85 -10.90
CA SER A 88 11.13 6.44 -12.23
C SER A 88 9.74 5.82 -12.11
N PRO A 89 8.69 6.66 -12.25
CA PRO A 89 7.34 6.19 -11.91
C PRO A 89 6.90 4.95 -12.68
N ILE A 90 6.12 4.13 -12.00
CA ILE A 90 5.57 2.91 -12.56
C ILE A 90 4.32 3.29 -13.34
N ALA A 91 4.41 3.12 -14.66
CA ALA A 91 3.40 3.63 -15.58
C ALA A 91 2.71 2.45 -16.27
N PRO A 92 1.41 2.62 -16.62
CA PRO A 92 0.76 1.51 -17.33
C PRO A 92 1.29 1.43 -18.75
N CYS A 93 1.21 0.25 -19.35
CA CYS A 93 1.74 0.04 -20.70
C CYS A 93 0.74 0.47 -21.76
N SER A 94 -0.47 0.83 -21.33
CA SER A 94 -1.51 1.31 -22.21
C SER A 94 -2.15 2.55 -21.58
N LEU A 95 -2.33 3.60 -22.37
CA LEU A 95 -2.93 4.85 -21.90
C LEU A 95 -4.35 4.62 -21.35
N ASP A 96 -5.04 3.62 -21.89
CA ASP A 96 -6.38 3.24 -21.46
C ASP A 96 -6.40 2.53 -20.11
N LYS A 97 -5.24 2.02 -19.69
CA LYS A 97 -5.18 1.18 -18.49
C LYS A 97 -4.70 1.93 -17.24
N ARG A 98 -4.93 1.33 -16.07
CA ARG A 98 -4.67 1.96 -14.77
C ARG A 98 -3.48 1.34 -14.05
N VAL A 99 -2.81 2.19 -13.27
CA VAL A 99 -1.89 1.76 -12.22
CA VAL A 99 -1.91 1.74 -12.22
C VAL A 99 -2.54 2.09 -10.86
N ILE A 100 -2.52 1.12 -9.95
CA ILE A 100 -3.09 1.31 -8.62
C ILE A 100 -2.02 1.00 -7.57
N LEU A 101 -1.98 1.79 -6.49
CA LEU A 101 -1.16 1.42 -5.33
C LEU A 101 -2.02 0.94 -4.18
N ILE A 102 -1.56 -0.10 -3.50
CA ILE A 102 -2.22 -0.55 -2.28
C ILE A 102 -1.21 -0.51 -1.16
N PHE A 103 -1.47 0.28 -0.12
CA PHE A 103 -0.59 0.35 1.05
C PHE A 103 -1.16 -0.49 2.17
N HIS A 104 -0.30 -1.18 2.91
CA HIS A 104 -0.76 -1.84 4.12
C HIS A 104 0.35 -1.91 5.14
N SER A 105 -0.04 -2.16 6.39
CA SER A 105 0.93 -2.45 7.43
C SER A 105 0.42 -3.65 8.23
N GLU A 106 0.73 -3.74 9.52
CA GLU A 106 0.26 -4.89 10.29
C GLU A 106 -1.26 -4.84 10.50
N PHE A 107 -1.73 -3.72 11.02
CA PHE A 107 -3.16 -3.52 11.24
C PHE A 107 -3.73 -2.52 10.25
N SER A 108 -2.84 -1.94 9.43
CA SER A 108 -3.13 -0.78 8.58
C SER A 108 -3.76 0.36 9.37
N SER A 109 -3.26 0.54 10.59
CA SER A 109 -3.75 1.58 11.49
CA SER A 109 -3.77 1.60 11.48
C SER A 109 -2.91 2.86 11.41
N GLU A 110 -1.60 2.70 11.32
CA GLU A 110 -0.66 3.81 11.38
C GLU A 110 0.29 3.85 10.19
N ARG A 111 1.13 2.83 10.06
CA ARG A 111 2.22 2.90 9.09
C ARG A 111 1.75 2.95 7.64
N GLY A 112 0.73 2.14 7.32
CA GLY A 112 0.16 2.10 5.96
C GLY A 112 -0.44 3.45 5.57
N PRO A 113 -1.40 3.96 6.38
CA PRO A 113 -1.99 5.29 6.09
C PRO A 113 -0.96 6.42 5.99
N ARG A 114 0.03 6.42 6.90
CA ARG A 114 1.10 7.41 6.88
C ARG A 114 1.86 7.43 5.55
N MET A 115 2.20 6.24 5.05
CA MET A 115 2.97 6.14 3.81
C MET A 115 2.11 6.61 2.64
N CYS A 116 0.85 6.22 2.65
CA CYS A 116 -0.10 6.63 1.61
C CYS A 116 -0.17 8.16 1.51
N ARG A 117 -0.34 8.82 2.64
CA ARG A 117 -0.40 10.29 2.63
C ARG A 117 0.91 10.90 2.16
N PHE A 118 2.03 10.32 2.60
CA PHE A 118 3.34 10.81 2.22
C PHE A 118 3.52 10.73 0.70
N ILE A 119 3.20 9.59 0.12
CA ILE A 119 3.34 9.45 -1.33
C ILE A 119 2.47 10.46 -2.08
N ARG A 120 1.24 10.67 -1.62
CA ARG A 120 0.38 11.67 -2.25
C ARG A 120 1.02 13.08 -2.20
N GLU A 121 1.56 13.42 -1.04
CA GLU A 121 2.23 14.70 -0.84
C GLU A 121 3.39 14.86 -1.83
N ARG A 122 4.20 13.81 -1.99
CA ARG A 122 5.34 13.87 -2.90
C ARG A 122 4.89 13.90 -4.36
N ASP A 123 3.86 13.11 -4.68
CA ASP A 123 3.27 13.06 -6.04
C ASP A 123 2.75 14.44 -6.46
N ARG A 124 1.99 15.08 -5.57
CA ARG A 124 1.58 16.46 -5.80
C ARG A 124 2.76 17.39 -6.05
N ALA A 125 3.82 17.22 -5.26
CA ALA A 125 4.94 18.16 -5.29
C ALA A 125 5.71 18.11 -6.61
N VAL A 126 5.76 16.92 -7.23
CA VAL A 126 6.51 16.73 -8.48
C VAL A 126 5.65 16.85 -9.74
N ASN A 127 4.38 17.19 -9.58
CA ASN A 127 3.46 17.38 -10.73
C ASN A 127 2.88 18.79 -10.86
N ASP A 128 2.45 19.13 -12.08
CA ASP A 128 1.56 20.26 -12.28
C ASP A 128 0.14 19.86 -11.89
N TYR A 129 -0.43 20.55 -10.92
CA TYR A 129 -1.79 20.25 -10.45
C TYR A 129 -2.79 20.24 -11.63
N PRO A 130 -3.72 19.25 -11.67
CA PRO A 130 -3.94 18.18 -10.71
C PRO A 130 -3.33 16.82 -11.14
N SER A 131 -2.35 16.83 -12.04
CA SER A 131 -1.79 15.56 -12.53
C SER A 131 -1.08 14.80 -11.43
N LEU A 132 -1.12 13.46 -11.54
CA LEU A 132 -0.47 12.58 -10.56
C LEU A 132 0.05 11.32 -11.22
N TYR A 133 1.18 10.83 -10.73
CA TYR A 133 1.64 9.51 -11.15
C TYR A 133 0.75 8.39 -10.58
N TYR A 134 0.26 8.59 -9.35
CA TYR A 134 -0.52 7.57 -8.65
C TYR A 134 -1.82 8.17 -8.12
N PRO A 135 -2.77 8.44 -9.04
CA PRO A 135 -4.01 9.12 -8.63
C PRO A 135 -4.91 8.17 -7.82
N GLU A 136 -4.65 6.87 -7.89
CA GLU A 136 -5.54 5.87 -7.30
C GLU A 136 -4.79 5.01 -6.30
N MET A 137 -5.01 5.25 -5.02
CA MET A 137 -4.30 4.53 -3.95
C MET A 137 -5.31 4.11 -2.90
N TYR A 138 -5.08 2.91 -2.34
CA TYR A 138 -5.95 2.32 -1.33
C TYR A 138 -5.16 1.82 -0.14
N ILE A 139 -5.86 1.70 0.98
CA ILE A 139 -5.35 1.02 2.17
C ILE A 139 -6.04 -0.33 2.28
N LEU A 140 -5.26 -1.38 2.57
CA LEU A 140 -5.85 -2.69 2.78
C LEU A 140 -6.37 -2.73 4.22
N LYS A 141 -7.69 -2.79 4.35
CA LYS A 141 -8.37 -2.73 5.66
C LYS A 141 -7.94 -3.91 6.53
N GLY A 142 -7.45 -3.59 7.73
CA GLY A 142 -7.05 -4.62 8.71
C GLY A 142 -5.63 -5.14 8.52
N GLY A 143 -4.97 -4.65 7.49
CA GLY A 143 -3.58 -5.00 7.17
C GLY A 143 -3.27 -6.49 7.05
N TYR A 144 -2.02 -6.85 7.28
CA TYR A 144 -1.58 -8.24 7.11
C TYR A 144 -2.23 -9.15 8.15
N LYS A 145 -2.46 -8.62 9.36
CA LYS A 145 -3.08 -9.37 10.44
C LYS A 145 -4.45 -9.93 10.03
N GLU A 146 -5.24 -9.16 9.28
CA GLU A 146 -6.56 -9.63 8.87
C GLU A 146 -6.51 -10.38 7.55
N PHE A 147 -5.49 -10.09 6.74
CA PHE A 147 -5.40 -10.70 5.41
C PHE A 147 -4.94 -12.14 5.50
N PHE A 148 -3.88 -12.38 6.27
CA PHE A 148 -3.31 -13.72 6.38
C PHE A 148 -4.30 -14.85 6.80
N PRO A 149 -5.12 -14.64 7.85
CA PRO A 149 -6.06 -15.72 8.22
C PRO A 149 -7.17 -15.96 7.19
N GLN A 150 -7.46 -14.97 6.36
CA GLN A 150 -8.45 -15.11 5.29
C GLN A 150 -7.88 -15.82 4.05
N HIS A 151 -6.62 -15.48 3.69
CA HIS A 151 -6.06 -15.91 2.42
C HIS A 151 -4.60 -16.36 2.54
N PRO A 152 -4.36 -17.42 3.34
CA PRO A 152 -3.00 -17.83 3.65
C PRO A 152 -2.20 -18.25 2.42
N ASN A 153 -2.87 -18.81 1.40
CA ASN A 153 -2.13 -19.22 0.19
C ASN A 153 -1.74 -18.08 -0.73
N PHE A 154 -2.19 -16.86 -0.40
CA PHE A 154 -1.75 -15.64 -1.08
C PHE A 154 -0.58 -15.00 -0.37
N CYS A 155 -0.01 -15.71 0.61
CA CYS A 155 1.08 -15.20 1.41
C CYS A 155 2.29 -16.09 1.33
N GLU A 156 3.46 -15.48 1.53
CA GLU A 156 4.72 -16.22 1.61
C GLU A 156 5.76 -15.52 2.48
N PRO A 157 6.40 -16.27 3.40
CA PRO A 157 5.99 -17.63 3.78
C PRO A 157 4.57 -17.59 4.37
N GLN A 158 3.93 -18.76 4.53
CA GLN A 158 2.59 -18.80 5.11
C GLN A 158 2.67 -18.66 6.62
N ASP A 159 3.01 -17.47 7.08
CA ASP A 159 3.10 -17.21 8.51
C ASP A 159 2.86 -15.72 8.75
N TYR A 160 2.89 -15.32 10.02
CA TYR A 160 2.63 -13.94 10.41
C TYR A 160 3.50 -13.60 11.61
N ARG A 161 4.37 -12.61 11.44
CA ARG A 161 5.28 -12.15 12.49
C ARG A 161 4.89 -10.71 12.86
N PRO A 162 4.25 -10.56 14.04
CA PRO A 162 3.85 -9.23 14.49
C PRO A 162 5.06 -8.33 14.76
N MET A 163 4.83 -7.02 14.65
CA MET A 163 5.86 -6.02 14.94
C MET A 163 6.41 -6.23 16.34
N ASN A 164 5.52 -6.51 17.28
CA ASN A 164 5.90 -6.62 18.68
C ASN A 164 6.25 -8.06 19.12
N HIS A 165 6.57 -8.92 18.16
CA HIS A 165 7.02 -10.29 18.45
C HIS A 165 8.16 -10.26 19.48
N GLU A 166 8.03 -11.09 20.52
CA GLU A 166 8.95 -11.05 21.64
C GLU A 166 10.42 -11.34 21.28
N ALA A 167 10.63 -12.07 20.19
CA ALA A 167 11.97 -12.44 19.79
C ALA A 167 12.64 -11.41 18.86
N PHE A 168 11.91 -10.32 18.55
CA PHE A 168 12.37 -9.31 17.58
C PHE A 168 12.51 -7.89 18.15
N LYS A 169 12.61 -7.78 19.47
CA LYS A 169 12.71 -6.47 20.12
C LYS A 169 13.93 -5.69 19.65
N ASP A 170 15.07 -6.37 19.51
CA ASP A 170 16.30 -5.73 19.01
C ASP A 170 16.13 -5.25 17.57
N GLU A 171 15.52 -6.09 16.73
CA GLU A 171 15.29 -5.76 15.31
C GLU A 171 14.39 -4.53 15.17
N LEU A 172 13.41 -4.39 16.06
CA LEU A 172 12.50 -3.23 16.06
C LEU A 172 13.31 -1.96 16.31
N LYS A 173 14.13 -1.99 17.38
CA LYS A 173 14.98 -0.84 17.74
C LYS A 173 15.98 -0.49 16.65
N THR A 174 16.65 -1.49 16.10
CA THR A 174 17.59 -1.29 15.00
C THR A 174 16.92 -0.56 13.83
N PHE A 175 15.74 -1.01 13.46
CA PHE A 175 15.03 -0.38 12.36
C PHE A 175 14.65 1.06 12.69
N ARG A 176 14.06 1.28 13.86
CA ARG A 176 13.63 2.62 14.30
C ARG A 176 14.76 3.64 14.17
N LEU A 177 16.00 3.22 14.49
CA LEU A 177 17.15 4.13 14.44
C LEU A 177 17.58 4.52 13.03
N LYS A 178 16.93 3.95 12.01
CA LYS A 178 17.17 4.29 10.61
C LYS A 178 16.12 5.28 10.08
N THR A 179 15.12 5.59 10.91
CA THR A 179 14.02 6.47 10.47
C THR A 179 14.44 7.95 10.52
N ARG A 180 13.79 8.80 9.71
N ARG A 180 13.77 8.79 9.72
CA ARG A 180 14.19 10.22 9.59
CA ARG A 180 14.17 10.19 9.57
C ARG A 180 13.71 11.05 10.76
C ARG A 180 13.67 11.07 10.71
N SER A 181 12.64 10.60 11.41
CA SER A 181 11.95 11.40 12.43
C SER A 181 11.26 10.51 13.45
N TRP A 182 11.22 10.96 14.70
CA TRP A 182 10.36 10.36 15.72
C TRP A 182 9.88 11.45 16.70
N ALA A 183 8.82 11.15 17.46
N ALA A 183 8.83 11.14 17.46
CA ALA A 183 8.26 12.12 18.42
CA ALA A 183 8.21 12.09 18.40
C ALA A 183 9.29 12.57 19.46
C ALA A 183 9.19 12.61 19.45
S SO4 B . 0.41 -0.62 11.98
O1 SO4 B . 0.15 -0.63 13.42
O2 SO4 B . 1.12 -1.81 11.55
O3 SO4 B . 1.22 0.52 11.66
O4 SO4 B . -0.84 -0.59 11.25
S SO4 C . -9.36 0.63 11.05
O1 SO4 C . -10.03 1.50 10.11
O2 SO4 C . -8.08 1.21 11.41
O3 SO4 C . -9.25 -0.71 10.47
O4 SO4 C . -10.16 0.51 12.28
S SO4 D . -5.01 15.40 -2.16
O1 SO4 D . -3.89 16.25 -2.58
O2 SO4 D . -5.27 14.34 -3.11
O3 SO4 D . -6.27 16.15 -2.06
O4 SO4 D . -4.67 14.85 -0.85
S SO4 E . -11.40 2.53 -16.83
O1 SO4 E . -12.22 2.23 -15.67
O2 SO4 E . -10.01 2.75 -16.42
O3 SO4 E . -11.50 1.40 -17.76
O4 SO4 E . -11.86 3.75 -17.51
S SO4 F . 5.55 12.13 10.25
O1 SO4 F . 4.74 13.27 10.65
O2 SO4 F . 6.72 12.02 11.12
O3 SO4 F . 4.75 10.91 10.32
O4 SO4 F . 6.02 12.33 8.87
S SO4 G . 8.26 -0.87 -13.94
O1 SO4 G . 8.95 -1.27 -12.72
O2 SO4 G . 8.98 -1.36 -15.11
O3 SO4 G . 6.91 -1.45 -13.94
O4 SO4 G . 8.18 0.59 -13.98
FAG 8H8 H . -6.15 12.76 0.47
FAG 8H8 H . -3.10 9.61 -0.02
CAF 8H8 H . -5.83 11.59 -0.10
CAF 8H8 H . -4.33 10.01 -0.41
CAI 8H8 H . -6.74 10.90 -0.88
CAI 8H8 H . -5.15 9.19 -1.17
CAH 8H8 H . -6.38 9.69 -1.47
CAH 8H8 H . -6.43 9.65 -1.53
OAJ 8H8 H . -7.28 9.00 -2.23
OAJ 8H8 H . -7.25 8.87 -2.27
CAE 8H8 H . -5.10 9.17 -1.28
CAE 8H8 H . -6.85 10.90 -1.13
CAA 8H8 H . -4.19 9.87 -0.51
CAA 8H8 H . -6.02 11.72 -0.36
CAB 8H8 H . -4.56 11.08 0.08
CAB 8H8 H . -4.76 11.26 0.00
CAC 8H8 H . -3.72 11.73 0.81
CAC 8H8 H . -3.96 11.98 0.71
NAD 8H8 H . -2.98 12.34 1.48
NAD 8H8 H . -3.25 12.64 1.36
C1 GOL I . 12.42 7.48 5.76
C1 GOL I . 11.87 8.24 5.98
O1 GOL I . 13.32 8.40 5.22
O1 GOL I . 12.85 7.81 5.09
C2 GOL I . 11.89 8.05 7.06
C2 GOL I . 11.61 7.06 6.86
O2 GOL I . 11.25 9.27 6.80
O2 GOL I . 12.36 7.31 8.02
C3 GOL I . 10.94 7.10 7.76
C3 GOL I . 10.13 6.86 7.11
O3 GOL I . 10.46 7.71 8.94
O3 GOL I . 9.93 6.92 8.51
#